data_3GPX
#
_entry.id   3GPX
#
_cell.length_a   45.188
_cell.length_b   93.541
_cell.length_c   104.650
_cell.angle_alpha   90.000
_cell.angle_beta   90.000
_cell.angle_gamma   90.000
#
_symmetry.space_group_name_H-M   'P 21 21 21'
#
loop_
_entity.id
_entity.type
_entity.pdbx_description
1 polymer 'DNA glycosylase'
2 polymer "DNA (5'-D(*A*GP*GP*TP*AP*GP*AP*CP*TP*CP*GP*GP*AP*CP*GP*C)-3')"
3 polymer "DNA (5'-D(*TP*GP*CP*GP*TP*CP*CP*GP*AP*GP*TP*CP*TP*AP*CP*C)-3')"
4 non-polymer 'ZINC ION'
5 water water
#
loop_
_entity_poly.entity_id
_entity_poly.type
_entity_poly.pdbx_seq_one_letter_code
_entity_poly.pdbx_strand_id
1 'polypeptide(L)'
;PELPEVETIRRTLLPLIVGKTIEDVRIFWPNIIRHPRDSEAFAARMIGQTVRGLERRGKFLKFLLDRDALISHLRMEGRY
AVASALEPLEPHTHVVFCFTDGSELRYRDVRKFGTMHVYAKEEADRRPPLAELGPEPLSPAFSPAVLAERAVKTKRSVKA
LLLDCTVVAGFGNIYVDESLFRAGILPGRPAASLSSKEIERLHEEMVATIGEAVMKGGQHHLYVYGRQGNPCKRCGTPIE
KTVVAGRGTHYCPRCQR
;
A
2 'polydeoxyribonucleotide' (DA)(DG)(DG)(DT)(DA)(DG)(DA)(DC)(DT)(DC)(DG)(DG)(DA)(DC)(DG)(DC) B
3 'polydeoxyribonucleotide' (DT)(DG)(DC)(DG)(DT)(DC)(DC)(DG)(DA)(DG)(DT)(DC)(DT)(DA)(DC)(DC) C
#
loop_
_chem_comp.id
_chem_comp.type
_chem_comp.name
_chem_comp.formula
DA DNA linking 2'-DEOXYADENOSINE-5'-MONOPHOSPHATE 'C10 H14 N5 O6 P'
DC DNA linking 2'-DEOXYCYTIDINE-5'-MONOPHOSPHATE 'C9 H14 N3 O7 P'
DG DNA linking 2'-DEOXYGUANOSINE-5'-MONOPHOSPHATE 'C10 H14 N5 O7 P'
DT DNA linking THYMIDINE-5'-MONOPHOSPHATE 'C10 H15 N2 O8 P'
ZN non-polymer 'ZINC ION' 'Zn 2'
#
# COMPACT_ATOMS: atom_id res chain seq x y z
N PRO A 1 4.61 5.53 -0.77
CA PRO A 1 3.52 6.00 0.07
C PRO A 1 2.84 4.84 0.82
N GLU A 2 2.42 5.11 2.04
CA GLU A 2 1.69 4.11 2.82
C GLU A 2 0.19 4.22 2.53
N LEU A 3 -0.59 3.29 3.07
CA LEU A 3 -2.04 3.21 2.77
C LEU A 3 -2.79 4.55 2.85
N PRO A 4 -2.60 5.32 3.94
CA PRO A 4 -3.31 6.60 4.02
C PRO A 4 -2.93 7.54 2.87
N GLU A 5 -1.67 7.55 2.47
CA GLU A 5 -1.24 8.42 1.39
C GLU A 5 -1.83 7.89 0.07
N VAL A 6 -1.89 6.57 -0.09
CA VAL A 6 -2.47 6.00 -1.33
C VAL A 6 -3.95 6.37 -1.41
N GLU A 7 -4.64 6.32 -0.28
CA GLU A 7 -6.04 6.79 -0.25
C GLU A 7 -6.17 8.26 -0.65
N THR A 8 -5.24 9.11 -0.19
CA THR A 8 -5.24 10.52 -0.57
C THR A 8 -5.03 10.67 -2.09
N ILE A 9 -4.12 9.89 -2.64
CA ILE A 9 -3.89 9.90 -4.08
C ILE A 9 -5.14 9.46 -4.81
N ARG A 10 -5.78 8.39 -4.34
CA ARG A 10 -7.01 7.92 -4.97
C ARG A 10 -8.03 9.07 -5.05
N ARG A 11 -8.29 9.71 -3.92
CA ARG A 11 -9.31 10.74 -3.84
C ARG A 11 -8.97 11.99 -4.66
N THR A 12 -7.70 12.36 -4.68
CA THR A 12 -7.31 13.61 -5.32
C THR A 12 -7.12 13.42 -6.82
N LEU A 13 -6.64 12.24 -7.23
CA LEU A 13 -6.32 12.00 -8.63
C LEU A 13 -7.60 11.76 -9.46
N LEU A 14 -8.58 11.08 -8.88
CA LEU A 14 -9.79 10.74 -9.62
C LEU A 14 -10.46 11.89 -10.43
N PRO A 15 -10.78 13.04 -9.79
CA PRO A 15 -11.39 14.15 -10.57
C PRO A 15 -10.50 14.71 -11.67
N LEU A 16 -9.20 14.52 -11.54
CA LEU A 16 -8.22 15.02 -12.52
C LEU A 16 -8.11 14.15 -13.78
N ILE A 17 -8.63 12.94 -13.72
CA ILE A 17 -8.57 12.02 -14.85
C ILE A 17 -9.87 11.43 -15.32
N VAL A 18 -10.89 11.47 -14.46
CA VAL A 18 -12.17 10.84 -14.84
C VAL A 18 -12.73 11.44 -16.12
N GLY A 19 -13.20 10.55 -16.99
CA GLY A 19 -13.82 10.96 -18.25
C GLY A 19 -12.84 11.31 -19.36
N LYS A 20 -11.53 11.25 -19.08
CA LYS A 20 -10.51 11.47 -20.12
C LYS A 20 -10.26 10.19 -20.90
N THR A 21 -9.94 10.36 -22.17
CA THR A 21 -9.73 9.22 -23.07
C THR A 21 -8.25 9.10 -23.42
N ILE A 22 -7.74 7.88 -23.31
CA ILE A 22 -6.34 7.60 -23.59
C ILE A 22 -6.09 7.63 -25.07
N GLU A 23 -5.13 8.47 -25.44
CA GLU A 23 -4.71 8.59 -26.88
C GLU A 23 -3.38 7.88 -27.17
N ASP A 24 -2.52 7.80 -26.16
CA ASP A 24 -1.22 7.14 -26.31
C ASP A 24 -0.73 6.70 -24.95
N VAL A 25 0.12 5.68 -24.93
CA VAL A 25 0.75 5.28 -23.66
C VAL A 25 2.23 5.17 -24.02
N ARG A 26 3.05 5.91 -23.30
CA ARG A 26 4.50 5.96 -23.60
C ARG A 26 5.25 5.33 -22.43
N ILE A 27 6.17 4.42 -22.75
CA ILE A 27 6.84 3.63 -21.72
C ILE A 27 8.34 3.80 -21.87
N PHE A 28 8.97 4.32 -20.82
CA PHE A 28 10.40 4.63 -20.85
C PHE A 28 11.23 3.63 -20.02
N TRP A 29 10.55 2.84 -19.20
CA TRP A 29 11.19 1.72 -18.46
C TRP A 29 10.24 0.54 -18.48
N PRO A 30 10.39 -0.34 -19.49
CA PRO A 30 9.42 -1.41 -19.71
C PRO A 30 9.23 -2.38 -18.54
N ASN A 31 10.26 -2.55 -17.70
CA ASN A 31 10.19 -3.52 -16.58
C ASN A 31 9.11 -3.22 -15.54
N ILE A 32 8.61 -1.98 -15.53
CA ILE A 32 7.49 -1.56 -14.66
C ILE A 32 6.25 -2.36 -15.04
N ILE A 33 6.11 -2.63 -16.34
CA ILE A 33 4.96 -3.34 -16.85
C ILE A 33 5.11 -4.83 -16.60
N ARG A 34 4.18 -5.39 -15.82
CA ARG A 34 4.26 -6.80 -15.43
C ARG A 34 3.27 -7.67 -16.16
N HIS A 35 2.14 -7.09 -16.57
CA HIS A 35 1.13 -7.79 -17.40
C HIS A 35 0.32 -6.80 -18.23
N PRO A 36 0.12 -7.08 -19.53
CA PRO A 36 0.70 -8.16 -20.34
C PRO A 36 2.23 -8.10 -20.24
N ARG A 37 2.89 -9.22 -20.51
CA ARG A 37 4.35 -9.26 -20.39
C ARG A 37 5.08 -8.30 -21.35
N ASP A 38 4.51 -8.12 -22.54
CA ASP A 38 5.06 -7.23 -23.56
C ASP A 38 4.55 -5.82 -23.33
N SER A 39 5.44 -4.86 -23.06
CA SER A 39 4.98 -3.48 -22.80
C SER A 39 4.28 -2.87 -24.01
N GLU A 40 4.59 -3.32 -25.22
CA GLU A 40 3.89 -2.82 -26.40
C GLU A 40 2.40 -3.23 -26.42
N ALA A 41 2.11 -4.42 -25.92
CA ALA A 41 0.72 -4.87 -25.77
C ALA A 41 -0.02 -4.10 -24.71
N PHE A 42 0.64 -3.84 -23.58
CA PHE A 42 0.10 -3.01 -22.50
C PHE A 42 -0.29 -1.66 -23.05
N ALA A 43 0.62 -1.02 -23.78
CA ALA A 43 0.32 0.32 -24.34
C ALA A 43 -0.84 0.27 -25.36
N ALA A 44 -0.81 -0.72 -26.25
CA ALA A 44 -1.74 -0.78 -27.35
C ALA A 44 -3.16 -0.96 -26.82
N ARG A 45 -3.29 -1.77 -25.77
CA ARG A 45 -4.61 -2.17 -25.32
C ARG A 45 -5.30 -1.03 -24.61
N MET A 46 -4.53 -0.10 -24.05
CA MET A 46 -5.15 1.00 -23.29
C MET A 46 -5.66 2.12 -24.18
N ILE A 47 -5.11 2.22 -25.38
CA ILE A 47 -5.52 3.30 -26.34
C ILE A 47 -6.99 3.26 -26.69
N GLY A 48 -7.65 4.41 -26.58
CA GLY A 48 -9.05 4.47 -26.88
C GLY A 48 -9.99 4.29 -25.72
N GLN A 49 -9.46 3.81 -24.59
CA GLN A 49 -10.24 3.66 -23.37
C GLN A 49 -10.36 4.96 -22.58
N THR A 50 -11.51 5.14 -21.99
CA THR A 50 -11.80 6.29 -21.14
C THR A 50 -11.71 5.86 -19.67
N VAL A 51 -11.13 6.74 -18.85
CA VAL A 51 -11.04 6.51 -17.41
C VAL A 51 -12.42 6.68 -16.78
N ARG A 52 -12.86 5.66 -16.05
CA ARG A 52 -14.20 5.69 -15.44
C ARG A 52 -14.18 5.78 -13.92
N GLY A 53 -13.09 5.33 -13.32
CA GLY A 53 -13.04 5.32 -11.85
C GLY A 53 -11.67 5.01 -11.32
N LEU A 54 -11.54 5.10 -10.00
CA LEU A 54 -10.25 4.85 -9.36
C LEU A 54 -10.55 4.35 -7.96
N GLU A 55 -10.17 3.11 -7.72
CA GLU A 55 -10.37 2.46 -6.43
C GLU A 55 -9.03 2.12 -5.81
N ARG A 56 -9.08 1.81 -4.52
CA ARG A 56 -7.90 1.39 -3.79
C ARG A 56 -8.16 0.05 -3.14
N ARG A 57 -7.18 -0.86 -3.25
CA ARG A 57 -7.19 -2.09 -2.48
C ARG A 57 -5.82 -2.22 -1.80
N GLY A 58 -5.81 -2.13 -0.47
CA GLY A 58 -4.55 -2.07 0.27
C GLY A 58 -3.75 -0.87 -0.22
N LYS A 59 -2.51 -1.09 -0.65
CA LYS A 59 -1.74 0.03 -1.22
C LYS A 59 -1.81 0.05 -2.76
N PHE A 60 -2.60 -0.86 -3.34
CA PHE A 60 -2.77 -0.85 -4.81
C PHE A 60 -3.80 0.17 -5.26
N LEU A 61 -3.50 0.89 -6.34
CA LEU A 61 -4.50 1.71 -7.02
C LEU A 61 -5.06 0.90 -8.19
N LYS A 62 -6.38 0.91 -8.34
CA LYS A 62 -7.08 0.23 -9.44
C LYS A 62 -7.76 1.30 -10.28
N PHE A 63 -7.14 1.62 -11.42
CA PHE A 63 -7.73 2.52 -12.40
C PHE A 63 -8.75 1.73 -13.21
N LEU A 64 -10.00 2.16 -13.20
CA LEU A 64 -11.03 1.46 -13.98
C LEU A 64 -11.28 2.18 -15.30
N LEU A 65 -11.08 1.48 -16.41
CA LEU A 65 -11.28 2.07 -17.73
C LEU A 65 -12.57 1.49 -18.35
N ASP A 66 -12.73 1.59 -19.65
CA ASP A 66 -13.92 1.01 -20.30
C ASP A 66 -13.96 -0.52 -20.17
N ARG A 67 -12.90 -1.19 -20.59
CA ARG A 67 -12.88 -2.66 -20.62
C ARG A 67 -11.92 -3.19 -19.54
N ASP A 68 -10.82 -2.47 -19.36
CA ASP A 68 -9.69 -2.94 -18.54
C ASP A 68 -9.61 -2.25 -17.19
N ALA A 69 -8.89 -2.91 -16.26
CA ALA A 69 -8.42 -2.26 -15.03
C ALA A 69 -6.90 -2.21 -15.08
N LEU A 70 -6.33 -1.08 -14.66
CA LEU A 70 -4.87 -0.96 -14.54
C LEU A 70 -4.60 -0.99 -13.04
N ILE A 71 -3.81 -1.98 -12.61
CA ILE A 71 -3.44 -2.13 -11.19
C ILE A 71 -2.03 -1.62 -10.97
N SER A 72 -1.88 -0.63 -10.10
CA SER A 72 -0.61 0.04 -9.97
C SER A 72 -0.18 0.00 -8.49
N HIS A 73 1.11 -0.29 -8.27
CA HIS A 73 1.68 -0.21 -6.93
C HIS A 73 2.89 0.73 -7.01
N LEU A 74 2.92 1.73 -6.13
CA LEU A 74 3.93 2.78 -6.17
C LEU A 74 5.18 2.45 -5.34
N ARG A 75 5.11 1.37 -4.59
CA ARG A 75 6.14 1.00 -3.63
C ARG A 75 6.50 2.23 -2.77
N MET A 76 7.78 2.51 -2.53
CA MET A 76 8.15 3.53 -1.54
C MET A 76 8.16 4.95 -2.07
N GLU A 77 8.44 5.13 -3.36
CA GLU A 77 8.71 6.46 -3.91
C GLU A 77 7.97 6.79 -5.19
N GLY A 78 7.11 5.88 -5.65
CA GLY A 78 6.31 6.11 -6.87
C GLY A 78 5.34 7.25 -6.67
N ARG A 79 5.11 8.03 -7.73
CA ARG A 79 4.24 9.20 -7.66
C ARG A 79 3.51 9.38 -8.97
N TYR A 80 2.26 9.84 -8.90
CA TYR A 80 1.47 10.23 -10.09
C TYR A 80 1.28 11.73 -10.16
N ALA A 81 1.21 12.29 -11.37
CA ALA A 81 0.93 13.72 -11.52
C ALA A 81 0.15 13.86 -12.80
N VAL A 82 -0.72 14.84 -12.86
CA VAL A 82 -1.40 15.18 -14.12
C VAL A 82 -0.90 16.52 -14.57
N ALA A 83 -0.48 16.60 -15.84
CA ALA A 83 0.10 17.83 -16.36
C ALA A 83 -0.02 17.90 -17.87
N SER A 84 0.38 19.04 -18.42
CA SER A 84 0.26 19.27 -19.87
C SER A 84 1.31 18.51 -20.70
N ALA A 85 0.88 17.98 -21.84
CA ALA A 85 1.80 17.35 -22.79
C ALA A 85 2.79 18.35 -23.39
N LEU A 86 2.53 19.65 -23.21
CA LEU A 86 3.39 20.69 -23.81
C LEU A 86 4.64 20.96 -22.98
N GLU A 87 4.63 20.53 -21.72
CA GLU A 87 5.70 20.86 -20.77
C GLU A 87 6.71 19.73 -20.66
N PRO A 88 8.00 20.06 -20.36
CA PRO A 88 8.98 18.98 -20.24
C PRO A 88 8.64 18.06 -19.06
N LEU A 89 8.91 16.76 -19.23
CA LEU A 89 8.72 15.80 -18.15
C LEU A 89 9.68 16.02 -16.98
N GLU A 90 9.23 15.67 -15.78
CA GLU A 90 10.09 15.67 -14.60
C GLU A 90 11.06 14.47 -14.67
N PRO A 91 12.19 14.53 -13.93
CA PRO A 91 13.12 13.39 -13.96
C PRO A 91 12.48 12.12 -13.44
N HIS A 92 12.94 10.96 -13.93
CA HIS A 92 12.50 9.64 -13.44
C HIS A 92 11.05 9.36 -13.81
N THR A 93 10.59 9.91 -14.94
CA THR A 93 9.24 9.59 -15.43
C THR A 93 9.31 8.34 -16.29
N HIS A 94 8.65 7.27 -15.85
CA HIS A 94 8.77 5.98 -16.53
C HIS A 94 7.62 5.57 -17.42
N VAL A 95 6.41 6.09 -17.13
CA VAL A 95 5.23 5.71 -17.91
C VAL A 95 4.36 6.95 -17.97
N VAL A 96 3.85 7.26 -19.16
CA VAL A 96 2.97 8.41 -19.34
C VAL A 96 1.73 7.96 -20.10
N PHE A 97 0.55 8.31 -19.57
CA PHE A 97 -0.68 8.06 -20.26
C PHE A 97 -1.13 9.38 -20.86
N CYS A 98 -1.19 9.44 -22.19
CA CYS A 98 -1.49 10.71 -22.86
C CYS A 98 -2.99 10.75 -23.15
N PHE A 99 -3.67 11.80 -22.73
CA PHE A 99 -5.10 11.90 -23.01
C PHE A 99 -5.42 12.76 -24.24
N THR A 100 -6.62 12.58 -24.76
CA THR A 100 -7.02 13.30 -26.01
C THR A 100 -7.14 14.81 -25.81
N ASP A 101 -7.22 15.23 -24.55
CA ASP A 101 -7.35 16.64 -24.23
C ASP A 101 -6.00 17.35 -24.02
N GLY A 102 -4.91 16.65 -24.33
CA GLY A 102 -3.58 17.28 -24.26
C GLY A 102 -2.96 17.25 -22.86
N SER A 103 -3.67 16.65 -21.91
CA SER A 103 -3.12 16.39 -20.58
C SER A 103 -2.54 14.99 -20.51
N GLU A 104 -1.79 14.72 -19.46
CA GLU A 104 -1.12 13.43 -19.29
C GLU A 104 -1.18 13.02 -17.83
N LEU A 105 -1.27 11.72 -17.61
CA LEU A 105 -1.06 11.16 -16.28
C LEU A 105 0.35 10.56 -16.30
N ARG A 106 1.23 11.04 -15.43
CA ARG A 106 2.62 10.65 -15.45
C ARG A 106 2.96 9.90 -14.19
N TYR A 107 3.66 8.78 -14.38
CA TYR A 107 4.18 7.98 -13.30
C TYR A 107 5.71 8.17 -13.16
N ARG A 108 6.15 8.63 -12.01
N ARG A 108 6.13 8.61 -11.98
CA ARG A 108 7.56 8.78 -11.75
CA ARG A 108 7.54 8.93 -11.65
C ARG A 108 7.95 7.89 -10.61
C ARG A 108 8.01 8.08 -10.50
N ASP A 109 9.22 7.53 -10.58
CA ASP A 109 9.72 6.64 -9.52
C ASP A 109 11.26 6.67 -9.58
N VAL A 110 11.86 7.45 -8.69
CA VAL A 110 13.33 7.50 -8.60
C VAL A 110 13.94 6.09 -8.44
N ARG A 111 13.24 5.21 -7.72
CA ARG A 111 13.77 3.88 -7.40
C ARG A 111 13.47 2.87 -8.50
N LYS A 112 12.60 3.27 -9.45
CA LYS A 112 12.17 2.39 -10.52
C LYS A 112 11.67 1.06 -10.00
N PHE A 113 10.84 1.09 -8.94
CA PHE A 113 10.52 -0.12 -8.17
C PHE A 113 9.04 -0.56 -8.25
N GLY A 114 8.21 0.33 -8.78
CA GLY A 114 6.76 0.10 -8.81
C GLY A 114 6.35 -0.85 -9.91
N THR A 115 5.07 -1.22 -9.92
CA THR A 115 4.57 -2.25 -10.83
C THR A 115 3.24 -1.82 -11.43
N MET A 116 2.98 -2.27 -12.66
CA MET A 116 1.69 -2.06 -13.34
C MET A 116 1.22 -3.36 -14.03
N HIS A 117 -0.05 -3.71 -13.81
CA HIS A 117 -0.64 -4.92 -14.43
C HIS A 117 -1.96 -4.44 -15.03
N VAL A 118 -2.29 -4.87 -16.25
CA VAL A 118 -3.60 -4.54 -16.86
C VAL A 118 -4.30 -5.85 -17.24
N TYR A 119 -5.56 -5.97 -16.81
CA TYR A 119 -6.41 -7.10 -17.20
C TYR A 119 -7.81 -6.57 -17.50
N ALA A 120 -8.60 -7.37 -18.24
CA ALA A 120 -10.05 -7.13 -18.29
C ALA A 120 -10.56 -6.90 -16.86
N LYS A 121 -11.43 -5.91 -16.67
CA LYS A 121 -11.88 -5.55 -15.32
C LYS A 121 -12.36 -6.74 -14.50
N GLU A 122 -13.07 -7.65 -15.15
CA GLU A 122 -13.72 -8.76 -14.44
C GLU A 122 -12.71 -9.81 -13.98
N GLU A 123 -11.49 -9.70 -14.49
CA GLU A 123 -10.43 -10.64 -14.22
C GLU A 123 -9.47 -10.15 -13.13
N ALA A 124 -9.40 -8.83 -12.93
CA ALA A 124 -8.31 -8.22 -12.15
C ALA A 124 -8.24 -8.77 -10.72
N ASP A 125 -9.39 -8.95 -10.08
CA ASP A 125 -9.39 -9.38 -8.67
C ASP A 125 -8.93 -10.83 -8.48
N ARG A 126 -8.91 -11.61 -9.54
CA ARG A 126 -8.45 -13.01 -9.43
C ARG A 126 -7.08 -13.29 -10.01
N ARG A 127 -6.35 -12.24 -10.38
CA ARG A 127 -5.00 -12.37 -10.93
C ARG A 127 -4.02 -11.61 -10.05
N PRO A 128 -2.71 -11.84 -10.23
CA PRO A 128 -1.79 -11.00 -9.47
C PRO A 128 -1.89 -9.57 -9.99
N PRO A 129 -1.62 -8.58 -9.12
CA PRO A 129 -1.17 -8.70 -7.73
C PRO A 129 -2.31 -8.68 -6.70
N LEU A 130 -3.55 -8.64 -7.18
CA LEU A 130 -4.70 -8.51 -6.28
C LEU A 130 -5.16 -9.84 -5.71
N ALA A 131 -4.89 -10.92 -6.46
CA ALA A 131 -5.34 -12.24 -6.03
C ALA A 131 -4.78 -12.54 -4.64
N GLU A 132 -5.65 -13.01 -3.76
CA GLU A 132 -5.23 -13.41 -2.39
C GLU A 132 -5.09 -12.27 -1.40
N LEU A 133 -5.23 -11.02 -1.85
CA LEU A 133 -5.13 -9.88 -0.91
C LEU A 133 -6.15 -10.02 0.21
N GLY A 134 -5.71 -9.78 1.46
CA GLY A 134 -6.59 -9.88 2.60
C GLY A 134 -7.53 -8.69 2.72
N PRO A 135 -8.33 -8.64 3.79
CA PRO A 135 -9.36 -7.63 3.92
C PRO A 135 -8.79 -6.24 4.20
N GLU A 136 -9.55 -5.22 3.83
CA GLU A 136 -9.19 -3.84 4.18
C GLU A 136 -9.14 -3.71 5.71
N PRO A 137 -8.09 -3.04 6.25
CA PRO A 137 -7.97 -2.97 7.71
C PRO A 137 -9.13 -2.20 8.34
N LEU A 138 -9.75 -1.29 7.57
CA LEU A 138 -10.87 -0.47 8.10
C LEU A 138 -12.25 -1.04 7.78
N SER A 139 -12.28 -2.28 7.28
CA SER A 139 -13.53 -2.93 6.92
C SER A 139 -13.98 -3.91 8.01
N PRO A 140 -15.30 -4.17 8.09
CA PRO A 140 -15.80 -5.18 9.03
C PRO A 140 -15.21 -6.58 8.74
N ALA A 141 -14.74 -6.80 7.52
CA ALA A 141 -14.14 -8.09 7.14
C ALA A 141 -12.78 -8.35 7.81
N PHE A 142 -12.15 -7.30 8.32
CA PHE A 142 -10.98 -7.49 9.16
C PHE A 142 -11.45 -7.39 10.61
N SER A 143 -11.52 -8.54 11.27
CA SER A 143 -12.05 -8.63 12.63
C SER A 143 -11.06 -9.32 13.56
N PRO A 144 -11.27 -9.18 14.90
CA PRO A 144 -10.45 -9.96 15.83
C PRO A 144 -10.43 -11.46 15.52
N ALA A 145 -11.60 -12.01 15.16
CA ALA A 145 -11.69 -13.45 14.86
C ALA A 145 -10.84 -13.86 13.66
N VAL A 146 -10.86 -13.03 12.62
CA VAL A 146 -10.05 -13.27 11.42
C VAL A 146 -8.57 -13.26 11.80
N LEU A 147 -8.17 -12.27 12.59
CA LEU A 147 -6.80 -12.14 13.05
C LEU A 147 -6.39 -13.33 13.95
N ALA A 148 -7.28 -13.71 14.87
CA ALA A 148 -7.02 -14.84 15.78
C ALA A 148 -6.83 -16.17 15.02
N GLU A 149 -7.65 -16.41 14.01
CA GLU A 149 -7.58 -17.60 13.17
C GLU A 149 -6.23 -17.72 12.45
N ARG A 150 -5.72 -16.59 11.97
CA ARG A 150 -4.43 -16.59 11.27
C ARG A 150 -3.27 -16.77 12.25
N ALA A 151 -3.37 -16.15 13.41
CA ALA A 151 -2.30 -16.14 14.41
C ALA A 151 -2.05 -17.52 15.05
N VAL A 152 -3.12 -18.26 15.34
CA VAL A 152 -2.99 -19.58 15.96
C VAL A 152 -2.35 -20.61 15.03
N LYS A 153 -2.55 -20.40 13.72
CA LYS A 153 -2.19 -21.35 12.67
C LYS A 153 -0.71 -21.22 12.24
N THR A 154 -0.02 -20.18 12.72
CA THR A 154 1.34 -19.90 12.25
C THR A 154 2.44 -20.03 13.31
N LYS A 155 3.66 -20.31 12.85
CA LYS A 155 4.84 -20.29 13.71
C LYS A 155 5.53 -18.91 13.71
N ARG A 156 5.06 -18.00 12.86
CA ARG A 156 5.77 -16.74 12.63
C ARG A 156 5.55 -15.75 13.77
N SER A 157 6.34 -14.69 13.78
CA SER A 157 6.19 -13.62 14.76
C SER A 157 4.92 -12.82 14.47
N VAL A 158 4.44 -12.07 15.47
CA VAL A 158 3.28 -11.25 15.23
C VAL A 158 3.54 -10.17 14.18
N LYS A 159 4.75 -9.61 14.16
CA LYS A 159 5.12 -8.62 13.11
C LYS A 159 5.04 -9.22 11.69
N ALA A 160 5.58 -10.42 11.54
CA ALA A 160 5.54 -11.13 10.26
C ALA A 160 4.09 -11.32 9.81
N LEU A 161 3.21 -11.68 10.75
CA LEU A 161 1.78 -11.91 10.44
C LEU A 161 1.12 -10.65 9.91
N LEU A 162 1.36 -9.53 10.58
CA LEU A 162 0.72 -8.28 10.19
C LEU A 162 1.24 -7.72 8.88
N LEU A 163 2.48 -8.06 8.53
CA LEU A 163 3.09 -7.61 7.26
C LEU A 163 2.62 -8.44 6.07
N ASP A 164 1.97 -9.56 6.37
CA ASP A 164 1.49 -10.52 5.36
C ASP A 164 0.23 -9.98 4.68
N CYS A 165 0.34 -9.67 3.38
CA CYS A 165 -0.75 -9.04 2.63
C CYS A 165 -2.00 -9.94 2.54
N THR A 166 -1.86 -11.23 2.82
CA THR A 166 -3.03 -12.12 2.80
C THR A 166 -3.82 -12.03 4.09
N VAL A 167 -3.20 -11.50 5.13
CA VAL A 167 -3.83 -11.37 6.44
C VAL A 167 -4.67 -10.10 6.48
N VAL A 168 -4.07 -9.00 6.02
CA VAL A 168 -4.69 -7.67 6.05
C VAL A 168 -4.01 -6.86 4.95
N ALA A 169 -4.82 -6.12 4.19
CA ALA A 169 -4.32 -5.42 2.99
C ALA A 169 -3.53 -4.14 3.25
N GLY A 170 -2.24 -4.15 2.89
CA GLY A 170 -1.44 -2.92 2.80
C GLY A 170 -1.12 -2.24 4.11
N PHE A 171 -0.98 -3.03 5.17
CA PHE A 171 -0.63 -2.49 6.49
C PHE A 171 0.90 -2.40 6.59
N GLY A 172 1.43 -1.20 6.45
CA GLY A 172 2.87 -1.02 6.26
C GLY A 172 3.72 -1.15 7.52
N ASN A 173 5.04 -1.20 7.33
CA ASN A 173 6.02 -1.32 8.43
C ASN A 173 5.78 -0.30 9.52
N ILE A 174 5.63 0.97 9.12
CA ILE A 174 5.37 2.04 10.08
C ILE A 174 4.16 1.74 10.95
N TYR A 175 3.06 1.34 10.34
CA TYR A 175 1.85 1.11 11.10
C TYR A 175 1.89 -0.18 11.92
N VAL A 176 2.63 -1.20 11.44
CA VAL A 176 2.81 -2.40 12.25
C VAL A 176 3.53 -2.03 13.56
N ASP A 177 4.65 -1.32 13.47
CA ASP A 177 5.40 -0.95 14.70
C ASP A 177 4.56 -0.06 15.62
N GLU A 178 3.90 0.94 15.05
CA GLU A 178 3.06 1.83 15.86
C GLU A 178 1.93 1.09 16.56
N SER A 179 1.24 0.21 15.83
CA SER A 179 0.11 -0.55 16.37
C SER A 179 0.56 -1.49 17.49
N LEU A 180 1.68 -2.17 17.28
CA LEU A 180 2.19 -3.07 18.31
C LEU A 180 2.57 -2.30 19.56
N PHE A 181 3.20 -1.14 19.38
CA PHE A 181 3.49 -0.28 20.54
C PHE A 181 2.21 0.10 21.29
N ARG A 182 1.22 0.59 20.57
CA ARG A 182 -0.03 1.04 21.17
C ARG A 182 -0.79 -0.08 21.86
N ALA A 183 -0.61 -1.30 21.37
CA ALA A 183 -1.22 -2.50 21.95
C ALA A 183 -0.39 -3.12 23.06
N GLY A 184 0.86 -2.66 23.21
CA GLY A 184 1.73 -3.14 24.29
C GLY A 184 2.26 -4.56 24.04
N ILE A 185 2.47 -4.90 22.78
CA ILE A 185 2.91 -6.23 22.35
C ILE A 185 4.28 -6.14 21.65
N LEU A 186 5.25 -6.95 22.06
CA LEU A 186 6.56 -6.97 21.40
C LEU A 186 6.43 -7.54 19.99
N PRO A 187 7.11 -6.93 19.00
CA PRO A 187 6.98 -7.36 17.60
C PRO A 187 7.48 -8.77 17.33
N GLY A 188 8.45 -9.21 18.15
CA GLY A 188 9.05 -10.54 17.99
C GLY A 188 8.31 -11.69 18.64
N ARG A 189 7.25 -11.40 19.40
CA ARG A 189 6.38 -12.43 20.00
C ARG A 189 5.86 -13.37 18.92
N PRO A 190 5.91 -14.70 19.14
CA PRO A 190 5.20 -15.61 18.21
C PRO A 190 3.71 -15.24 18.16
N ALA A 191 3.14 -15.18 16.96
CA ALA A 191 1.73 -14.80 16.76
C ALA A 191 0.80 -15.69 17.59
N ALA A 192 1.16 -16.97 17.68
CA ALA A 192 0.35 -17.96 18.38
C ALA A 192 0.39 -17.80 19.91
N SER A 193 1.34 -17.01 20.41
CA SER A 193 1.49 -16.77 21.85
C SER A 193 0.54 -15.68 22.37
N LEU A 194 -0.11 -14.96 21.46
CA LEU A 194 -1.02 -13.88 21.86
C LEU A 194 -2.34 -14.41 22.42
N SER A 195 -2.74 -13.87 23.57
CA SER A 195 -4.04 -14.18 24.18
C SER A 195 -5.18 -13.58 23.36
N SER A 196 -6.39 -14.04 23.63
CA SER A 196 -7.59 -13.40 23.07
C SER A 196 -7.65 -11.90 23.39
N LYS A 197 -7.27 -11.55 24.62
CA LYS A 197 -7.25 -10.16 25.05
C LYS A 197 -6.25 -9.35 24.23
N GLU A 198 -5.07 -9.94 24.00
CA GLU A 198 -4.03 -9.28 23.21
C GLU A 198 -4.44 -9.13 21.75
N ILE A 199 -5.09 -10.16 21.20
CA ILE A 199 -5.56 -10.09 19.82
C ILE A 199 -6.61 -8.99 19.65
N GLU A 200 -7.52 -8.89 20.61
CA GLU A 200 -8.57 -7.88 20.57
C GLU A 200 -7.97 -6.47 20.62
N ARG A 201 -7.02 -6.30 21.54
CA ARG A 201 -6.37 -5.01 21.73
C ARG A 201 -5.55 -4.63 20.49
N LEU A 202 -4.87 -5.62 19.89
CA LEU A 202 -4.09 -5.39 18.69
C LEU A 202 -5.00 -4.96 17.54
N HIS A 203 -6.10 -5.67 17.35
CA HIS A 203 -7.01 -5.29 16.28
C HIS A 203 -7.50 -3.85 16.51
N GLU A 204 -7.88 -3.55 17.74
CA GLU A 204 -8.35 -2.21 18.09
C GLU A 204 -7.32 -1.12 17.73
N GLU A 205 -6.07 -1.34 18.12
CA GLU A 205 -5.02 -0.37 17.86
C GLU A 205 -4.64 -0.27 16.38
N MET A 206 -4.69 -1.38 15.65
CA MET A 206 -4.49 -1.34 14.21
C MET A 206 -5.52 -0.44 13.53
N VAL A 207 -6.79 -0.64 13.88
CA VAL A 207 -7.87 0.17 13.31
C VAL A 207 -7.73 1.65 13.69
N ALA A 208 -7.43 1.91 14.97
CA ALA A 208 -7.25 3.27 15.46
C ALA A 208 -6.05 3.94 14.78
N THR A 209 -4.94 3.22 14.68
CA THR A 209 -3.73 3.80 14.12
C THR A 209 -3.93 4.19 12.66
N ILE A 210 -4.41 3.26 11.86
CA ILE A 210 -4.51 3.53 10.44
C ILE A 210 -5.73 4.45 10.13
N GLY A 211 -6.78 4.32 10.93
CA GLY A 211 -7.97 5.20 10.83
C GLY A 211 -7.63 6.66 11.12
N GLU A 212 -6.82 6.89 12.15
CA GLU A 212 -6.33 8.22 12.49
C GLU A 212 -5.48 8.80 11.37
N ALA A 213 -4.63 7.97 10.79
CA ALA A 213 -3.73 8.40 9.73
C ALA A 213 -4.49 8.79 8.43
N VAL A 214 -5.60 8.11 8.15
CA VAL A 214 -6.39 8.45 6.96
C VAL A 214 -7.25 9.70 7.17
N MET A 215 -7.55 9.97 8.44
CA MET A 215 -8.30 11.16 8.84
C MET A 215 -7.34 12.33 9.17
N HIS A 221 1.71 11.93 14.13
CA HIS A 221 2.78 11.73 15.11
C HIS A 221 3.13 10.27 15.31
N LEU A 222 4.33 10.01 15.81
CA LEU A 222 4.85 8.65 15.95
C LEU A 222 5.34 8.39 17.37
N TYR A 223 5.15 7.17 17.84
CA TYR A 223 5.66 6.74 19.13
C TYR A 223 7.00 6.03 19.04
N VAL A 224 7.16 5.21 18.00
CA VAL A 224 8.37 4.39 17.92
C VAL A 224 9.10 4.44 16.60
N TYR A 225 8.37 4.55 15.49
CA TYR A 225 8.97 4.38 14.18
C TYR A 225 9.97 5.49 13.91
N GLY A 226 11.21 5.08 13.63
CA GLY A 226 12.31 6.02 13.38
C GLY A 226 12.86 6.75 14.58
N ARG A 227 12.42 6.35 15.78
CA ARG A 227 12.73 7.09 17.00
C ARG A 227 13.74 6.36 17.88
N GLN A 228 14.46 5.39 17.31
CA GLN A 228 15.47 4.67 18.08
C GLN A 228 16.46 5.62 18.73
N GLY A 229 16.85 5.30 19.96
CA GLY A 229 17.72 6.15 20.76
C GLY A 229 17.01 7.29 21.47
N ASN A 230 15.80 7.64 21.01
CA ASN A 230 15.01 8.70 21.66
C ASN A 230 14.12 8.15 22.79
N PRO A 231 13.73 9.00 23.76
CA PRO A 231 12.88 8.49 24.84
C PRO A 231 11.49 8.13 24.34
N CYS A 232 10.95 7.04 24.89
CA CYS A 232 9.57 6.70 24.67
C CYS A 232 8.69 7.85 25.17
N LYS A 233 7.69 8.20 24.38
CA LYS A 233 6.79 9.31 24.73
C LYS A 233 5.83 8.98 25.86
N ARG A 234 5.73 7.70 26.22
N ARG A 234 5.73 7.70 26.21
CA ARG A 234 4.83 7.25 27.27
CA ARG A 234 4.83 7.23 27.28
C ARG A 234 5.58 6.99 28.59
C ARG A 234 5.59 7.03 28.59
N CYS A 235 6.82 6.50 28.51
CA CYS A 235 7.58 6.13 29.74
C CYS A 235 9.01 6.62 29.84
N GLY A 236 9.52 7.22 28.77
CA GLY A 236 10.88 7.77 28.77
C GLY A 236 12.01 6.81 28.49
N THR A 237 11.72 5.51 28.43
CA THR A 237 12.73 4.49 28.10
C THR A 237 13.20 4.66 26.65
N PRO A 238 14.51 4.57 26.38
CA PRO A 238 14.97 4.70 24.99
C PRO A 238 14.35 3.65 24.08
N ILE A 239 13.84 4.14 22.95
CA ILE A 239 13.29 3.25 21.93
C ILE A 239 14.43 2.44 21.32
N GLU A 240 14.18 1.16 21.06
CA GLU A 240 15.17 0.28 20.47
C GLU A 240 14.77 -0.09 19.06
N LYS A 241 15.77 -0.42 18.26
CA LYS A 241 15.57 -0.87 16.89
C LYS A 241 16.34 -2.16 16.69
N THR A 242 15.67 -3.16 16.13
CA THR A 242 16.29 -4.45 15.81
C THR A 242 15.73 -4.90 14.47
N VAL A 243 16.14 -6.08 14.01
CA VAL A 243 15.56 -6.67 12.81
C VAL A 243 14.58 -7.75 13.25
N VAL A 244 13.34 -7.62 12.77
CA VAL A 244 12.29 -8.62 13.01
C VAL A 244 11.56 -8.83 11.70
N ALA A 245 11.33 -10.08 11.33
CA ALA A 245 10.68 -10.41 10.05
C ALA A 245 11.37 -9.75 8.87
N GLY A 246 12.70 -9.63 8.97
CA GLY A 246 13.51 -9.06 7.89
C GLY A 246 13.38 -7.57 7.68
N ARG A 247 12.86 -6.86 8.70
CA ARG A 247 12.61 -5.41 8.62
C ARG A 247 13.18 -4.70 9.84
N GLY A 248 13.63 -3.46 9.65
CA GLY A 248 13.94 -2.57 10.78
C GLY A 248 12.69 -2.44 11.64
N THR A 249 12.83 -2.68 12.94
CA THR A 249 11.67 -2.82 13.83
C THR A 249 11.94 -2.04 15.10
N HIS A 250 11.00 -1.17 15.46
CA HIS A 250 11.20 -0.21 16.53
C HIS A 250 10.23 -0.54 17.64
N TYR A 251 10.68 -0.43 18.90
CA TYR A 251 9.81 -0.76 20.01
C TYR A 251 10.32 -0.18 21.33
N CYS A 252 9.41 -0.04 22.28
CA CYS A 252 9.78 0.30 23.65
C CYS A 252 9.85 -0.98 24.44
N PRO A 253 11.04 -1.28 24.99
CA PRO A 253 11.19 -2.53 25.72
C PRO A 253 10.47 -2.57 27.07
N ARG A 254 9.96 -1.43 27.54
CA ARG A 254 9.18 -1.37 28.77
C ARG A 254 7.66 -1.46 28.53
N CYS A 255 7.16 -0.68 27.57
CA CYS A 255 5.72 -0.57 27.28
C CYS A 255 5.21 -1.85 26.60
N GLN A 256 6.08 -2.52 25.87
CA GLN A 256 5.73 -3.71 25.09
C GLN A 256 6.25 -4.99 25.70
N ARG A 257 5.40 -6.02 25.74
CA ARG A 257 5.69 -7.30 26.42
C ARG A 257 5.31 -8.51 25.59
ZN ZN D . 7.66 3.14 26.81
#